data_5XIT
#
_entry.id   5XIT
#
_cell.length_a   45.372
_cell.length_b   50.019
_cell.length_c   64.407
_cell.angle_alpha   73.49
_cell.angle_beta   69.69
_cell.angle_gamma   73.82
#
_symmetry.space_group_name_H-M   'P 1'
#
loop_
_entity.id
_entity.type
_entity.pdbx_description
1 polymer 'Ubiquitin-40S ribosomal protein S27a'
2 polymer 'E3 ubiquitin-protein ligase RNF168'
3 polymer 'Ubiquitin-40S ribosomal protein S27a'
4 non-polymer GLYCEROL
5 non-polymer 'PRASEODYMIUM ION'
6 water water
#
loop_
_entity_poly.entity_id
_entity_poly.type
_entity_poly.pdbx_seq_one_letter_code
_entity_poly.pdbx_strand_id
1 'polypeptide(L)' MQIFVKTLTGKTITLEVEPSDTIENVKAKIQDKEGIPPDQQRLIFAGKQLEDGRTLSDYNIQRESTLHLVLRLRGG D,F
2 'polypeptide(L)'
;GPGHMPGELRREYEEEISKVAAERRASEEEENKASEEYIQRLLAEEEEEEKRQAEKRRRAMEEQLKSDEELARKLSIDIN
N
;
E,A
3 'polypeptide(L)' MQIFVKTLTGKTITLEVEPSDTIENVKAKIQDKEGIPPDQQRLIFAGKQLEDGRTLSDYNIQKESTLHLVLRLRGGD H,B
#
loop_
_chem_comp.id
_chem_comp.type
_chem_comp.name
_chem_comp.formula
GOL non-polymer GLYCEROL 'C3 H8 O3'
PR non-polymer 'PRASEODYMIUM ION' 'Pr 3'
#
# COMPACT_ATOMS: atom_id res chain seq x y z
N MET A 1 -29.98 -6.63 -13.88
CA MET A 1 -28.99 -6.51 -14.95
C MET A 1 -27.58 -6.40 -14.37
N GLN A 2 -26.59 -6.63 -15.22
CA GLN A 2 -25.19 -6.61 -14.81
C GLN A 2 -24.51 -5.35 -15.33
N ILE A 3 -23.80 -4.66 -14.44
CA ILE A 3 -22.92 -3.56 -14.81
C ILE A 3 -21.55 -3.87 -14.21
N PHE A 4 -20.55 -3.13 -14.64
CA PHE A 4 -19.18 -3.33 -14.18
C PHE A 4 -18.67 -2.07 -13.52
N VAL A 5 -17.81 -2.24 -12.51
CA VAL A 5 -17.16 -1.12 -11.83
C VAL A 5 -15.66 -1.37 -11.94
N LYS A 6 -14.98 -0.52 -12.69
CA LYS A 6 -13.56 -0.62 -12.95
C LYS A 6 -12.79 0.46 -12.21
N THR A 7 -11.70 0.08 -11.57
CA THR A 7 -10.81 1.03 -10.91
C THR A 7 -9.69 1.44 -11.86
N LEU A 8 -8.94 2.46 -11.46
CA LEU A 8 -7.83 2.92 -12.30
C LEU A 8 -6.65 1.96 -12.30
N THR A 9 -6.68 0.91 -11.47
CA THR A 9 -5.64 -0.11 -11.51
C THR A 9 -6.05 -1.30 -12.37
N GLY A 10 -7.18 -1.20 -13.07
CA GLY A 10 -7.65 -2.24 -13.95
C GLY A 10 -8.49 -3.31 -13.31
N LYS A 11 -8.77 -3.23 -12.00
CA LYS A 11 -9.56 -4.27 -11.34
C LYS A 11 -11.05 -3.96 -11.46
N THR A 12 -11.82 -5.00 -11.77
CA THR A 12 -13.21 -4.85 -12.19
C THR A 12 -14.14 -5.68 -11.31
N ILE A 13 -15.17 -5.03 -10.79
CA ILE A 13 -16.21 -5.69 -10.02
C ILE A 13 -17.46 -5.81 -10.89
N THR A 14 -18.21 -6.89 -10.69
CA THR A 14 -19.48 -7.10 -11.36
C THR A 14 -20.60 -6.98 -10.34
N LEU A 15 -21.60 -6.17 -10.66
CA LEU A 15 -22.74 -5.93 -9.77
C LEU A 15 -24.04 -6.23 -10.50
N GLU A 16 -24.99 -6.81 -9.77
CA GLU A 16 -26.35 -7.00 -10.26
C GLU A 16 -27.22 -5.87 -9.70
N VAL A 17 -27.77 -5.06 -10.60
CA VAL A 17 -28.48 -3.83 -10.23
C VAL A 17 -29.77 -3.75 -11.03
N GLU A 18 -30.67 -2.86 -10.57
CA GLU A 18 -31.88 -2.50 -11.29
C GLU A 18 -31.74 -1.11 -11.91
N PRO A 19 -32.36 -0.88 -13.07
CA PRO A 19 -32.28 0.46 -13.69
C PRO A 19 -32.82 1.57 -12.81
N SER A 20 -33.65 1.25 -11.82
CA SER A 20 -34.21 2.24 -10.92
C SER A 20 -33.39 2.41 -9.66
N ASP A 21 -32.31 1.66 -9.51
CA ASP A 21 -31.42 1.82 -8.37
C ASP A 21 -30.72 3.16 -8.42
N THR A 22 -30.70 3.85 -7.29
CA THR A 22 -29.95 5.09 -7.21
C THR A 22 -28.45 4.80 -7.19
N ILE A 23 -27.66 5.84 -7.44
CA ILE A 23 -26.21 5.71 -7.34
C ILE A 23 -25.81 5.40 -5.90
N GLU A 24 -26.58 5.91 -4.93
CA GLU A 24 -26.31 5.56 -3.53
C GLU A 24 -26.49 4.07 -3.28
N ASN A 25 -27.51 3.46 -3.92
CA ASN A 25 -27.65 2.01 -3.79
C ASN A 25 -26.47 1.29 -4.40
N VAL A 26 -25.89 1.86 -5.46
CA VAL A 26 -24.73 1.25 -6.10
C VAL A 26 -23.51 1.34 -5.18
N LYS A 27 -23.29 2.50 -4.57
CA LYS A 27 -22.19 2.63 -3.62
C LYS A 27 -22.39 1.72 -2.41
N ALA A 28 -23.64 1.52 -1.99
CA ALA A 28 -23.91 0.59 -0.89
C ALA A 28 -23.57 -0.84 -1.29
N LYS A 29 -23.94 -1.24 -2.51
CA LYS A 29 -23.58 -2.57 -2.99
C LYS A 29 -22.07 -2.75 -3.06
N ILE A 30 -21.33 -1.67 -3.34
CA ILE A 30 -19.87 -1.76 -3.37
C ILE A 30 -19.33 -1.94 -1.96
N GLN A 31 -19.93 -1.27 -0.97
CA GLN A 31 -19.51 -1.46 0.42
C GLN A 31 -19.85 -2.86 0.91
N ASP A 32 -21.02 -3.38 0.53
CA ASP A 32 -21.38 -4.73 0.94
C ASP A 32 -20.45 -5.77 0.34
N LYS A 33 -19.85 -5.47 -0.81
CA LYS A 33 -19.02 -6.42 -1.51
C LYS A 33 -17.53 -6.22 -1.25
N GLU A 34 -17.10 -4.98 -1.00
CA GLU A 34 -15.69 -4.65 -0.86
C GLU A 34 -15.35 -4.00 0.47
N GLY A 35 -16.33 -3.57 1.24
CA GLY A 35 -16.07 -2.89 2.50
C GLY A 35 -15.59 -1.46 2.37
N ILE A 36 -15.77 -0.84 1.19
CA ILE A 36 -15.36 0.54 0.97
C ILE A 36 -16.53 1.45 1.34
N PRO A 37 -16.36 2.35 2.30
CA PRO A 37 -17.45 3.25 2.69
C PRO A 37 -17.90 4.12 1.53
N PRO A 38 -19.20 4.36 1.40
CA PRO A 38 -19.69 5.17 0.27
C PRO A 38 -19.11 6.58 0.25
N ASP A 39 -18.76 7.14 1.41
CA ASP A 39 -18.17 8.47 1.44
C ASP A 39 -16.79 8.52 0.83
N GLN A 40 -16.16 7.37 0.61
CA GLN A 40 -14.87 7.31 -0.07
C GLN A 40 -14.99 7.01 -1.55
N GLN A 41 -16.19 6.74 -2.04
CA GLN A 41 -16.42 6.33 -3.42
C GLN A 41 -16.86 7.50 -4.29
N ARG A 42 -16.34 7.52 -5.51
CA ARG A 42 -16.82 8.41 -6.57
C ARG A 42 -17.01 7.57 -7.82
N LEU A 43 -18.13 7.75 -8.51
CA LEU A 43 -18.47 6.96 -9.68
C LEU A 43 -18.61 7.86 -10.91
N ILE A 44 -18.02 7.44 -12.01
CA ILE A 44 -18.02 8.20 -13.26
C ILE A 44 -18.52 7.30 -14.38
N PHE A 45 -19.46 7.83 -15.18
CA PHE A 45 -19.94 7.13 -16.36
C PHE A 45 -20.35 8.15 -17.41
N ALA A 46 -19.92 7.92 -18.66
CA ALA A 46 -20.26 8.78 -19.80
C ALA A 46 -19.86 10.23 -19.55
N GLY A 47 -18.66 10.41 -19.00
CA GLY A 47 -18.10 11.74 -18.80
C GLY A 47 -18.70 12.54 -17.68
N LYS A 48 -19.46 11.92 -16.77
CA LYS A 48 -20.08 12.64 -15.67
C LYS A 48 -19.78 11.93 -14.35
N GLN A 49 -19.53 12.73 -13.31
CA GLN A 49 -19.57 12.21 -11.95
C GLN A 49 -21.03 12.01 -11.58
N LEU A 50 -21.34 10.87 -10.95
CA LEU A 50 -22.72 10.50 -10.73
C LEU A 50 -23.19 10.95 -9.35
N GLU A 51 -24.40 11.50 -9.29
CA GLU A 51 -24.95 12.00 -8.04
C GLU A 51 -25.70 10.88 -7.33
N ASP A 52 -25.62 10.90 -6.00
CA ASP A 52 -26.13 9.78 -5.21
C ASP A 52 -27.63 9.55 -5.40
N GLY A 53 -28.39 10.64 -5.53
CA GLY A 53 -29.85 10.54 -5.59
C GLY A 53 -30.41 10.06 -6.91
N ARG A 54 -29.66 10.22 -7.99
CA ARG A 54 -30.10 9.89 -9.33
C ARG A 54 -30.07 8.38 -9.58
N THR A 55 -30.90 7.92 -10.51
CA THR A 55 -30.98 6.50 -10.80
C THR A 55 -30.07 6.14 -11.98
N LEU A 56 -29.85 4.83 -12.16
CA LEU A 56 -29.04 4.37 -13.28
C LEU A 56 -29.71 4.69 -14.61
N SER A 57 -31.04 4.61 -14.66
CA SER A 57 -31.77 4.98 -15.86
C SER A 57 -31.65 6.48 -16.14
N ASP A 58 -31.52 7.29 -15.10
CA ASP A 58 -31.33 8.73 -15.28
C ASP A 58 -30.04 9.02 -16.04
N TYR A 59 -28.98 8.24 -15.77
CA TYR A 59 -27.70 8.39 -16.45
C TYR A 59 -27.57 7.49 -17.67
N ASN A 60 -28.65 6.84 -18.10
CA ASN A 60 -28.64 5.95 -19.25
C ASN A 60 -27.60 4.84 -19.08
N ILE A 61 -27.52 4.26 -17.89
CA ILE A 61 -26.63 3.15 -17.60
C ILE A 61 -27.39 1.85 -17.84
N GLN A 62 -27.07 1.16 -18.91
CA GLN A 62 -27.72 -0.09 -19.27
C GLN A 62 -26.85 -1.28 -18.88
N ARG A 63 -27.28 -2.47 -19.30
CA ARG A 63 -26.56 -3.70 -18.95
C ARG A 63 -25.18 -3.71 -19.60
N GLU A 64 -24.23 -4.32 -18.91
CA GLU A 64 -22.83 -4.44 -19.31
C GLU A 64 -22.14 -3.08 -19.42
N SER A 65 -22.74 -2.02 -18.88
CA SER A 65 -22.04 -0.75 -18.80
C SER A 65 -20.95 -0.82 -17.75
N THR A 66 -19.88 -0.07 -17.97
CA THR A 66 -18.73 -0.06 -17.08
C THR A 66 -18.60 1.31 -16.45
N LEU A 67 -18.69 1.37 -15.13
CA LEU A 67 -18.47 2.59 -14.38
C LEU A 67 -17.03 2.64 -13.90
N HIS A 68 -16.52 3.85 -13.69
CA HIS A 68 -15.17 4.05 -13.16
C HIS A 68 -15.25 4.53 -11.72
N LEU A 69 -14.58 3.79 -10.82
CA LEU A 69 -14.60 4.07 -9.39
C LEU A 69 -13.34 4.84 -9.01
N VAL A 70 -13.52 5.96 -8.32
CA VAL A 70 -12.43 6.77 -7.79
C VAL A 70 -12.59 6.86 -6.28
N LEU A 71 -11.53 6.52 -5.55
CA LEU A 71 -11.50 6.54 -4.11
C LEU A 71 -10.91 7.85 -3.60
N ARG A 72 -11.59 8.47 -2.63
CA ARG A 72 -11.04 9.61 -1.90
C ARG A 72 -10.47 9.08 -0.59
N LEU A 73 -9.16 8.82 -0.59
CA LEU A 73 -8.49 8.25 0.57
C LEU A 73 -7.53 9.21 1.25
N ARG A 74 -7.19 10.34 0.62
CA ARG A 74 -6.23 11.29 1.17
C ARG A 74 -6.88 12.66 1.33
N GLY A 75 -6.62 13.29 2.48
CA GLY A 75 -7.13 14.61 2.77
C GLY A 75 -8.49 14.65 3.43
N GLY A 76 -9.23 13.55 3.44
CA GLY A 76 -10.54 13.53 4.06
C GLY A 76 -10.62 12.68 5.32
N PRO B 6 23.78 9.77 -1.92
CA PRO B 6 24.98 8.94 -1.80
C PRO B 6 24.76 7.69 -0.96
N GLY B 7 24.34 6.60 -1.59
CA GLY B 7 24.12 5.33 -0.91
C GLY B 7 25.30 4.40 -1.11
N GLU B 8 25.64 3.66 -0.05
CA GLU B 8 26.79 2.77 -0.07
C GLU B 8 26.42 1.31 -0.28
N LEU B 9 25.13 0.99 -0.36
CA LEU B 9 24.65 -0.38 -0.45
C LEU B 9 24.02 -0.70 -1.80
N ARG B 10 24.20 0.16 -2.81
CA ARG B 10 23.58 -0.09 -4.10
C ARG B 10 24.13 -1.37 -4.75
N ARG B 11 25.45 -1.51 -4.76
CA ARG B 11 26.06 -2.68 -5.39
C ARG B 11 25.61 -3.98 -4.72
N GLU B 12 25.51 -3.97 -3.39
CA GLU B 12 25.07 -5.16 -2.68
C GLU B 12 23.58 -5.41 -2.84
N TYR B 13 22.79 -4.34 -2.97
CA TYR B 13 21.35 -4.51 -3.17
C TYR B 13 21.04 -4.97 -4.58
N GLU B 14 21.81 -4.50 -5.57
CA GLU B 14 21.62 -4.96 -6.94
C GLU B 14 21.95 -6.44 -7.07
N GLU B 15 22.99 -6.92 -6.38
CA GLU B 15 23.38 -8.32 -6.51
C GLU B 15 22.41 -9.25 -5.77
N GLU B 16 21.75 -8.74 -4.72
CA GLU B 16 20.67 -9.51 -4.10
C GLU B 16 19.43 -9.55 -4.97
N ILE B 17 19.17 -8.49 -5.75
CA ILE B 17 18.03 -8.50 -6.66
C ILE B 17 18.28 -9.46 -7.81
N SER B 18 19.49 -9.47 -8.35
CA SER B 18 19.81 -10.39 -9.45
C SER B 18 19.82 -11.83 -8.99
N LYS B 19 20.22 -12.09 -7.74
CA LYS B 19 20.17 -13.45 -7.22
C LYS B 19 18.73 -13.96 -7.13
N VAL B 20 17.81 -13.12 -6.66
CA VAL B 20 16.41 -13.52 -6.57
C VAL B 20 15.83 -13.73 -7.97
N ALA B 21 16.14 -12.83 -8.90
CA ALA B 21 15.63 -12.97 -10.26
C ALA B 21 16.19 -14.21 -10.95
N ALA B 22 17.47 -14.51 -10.72
CA ALA B 22 18.08 -15.68 -11.33
C ALA B 22 17.47 -16.97 -10.79
N GLU B 23 17.14 -16.99 -9.49
CA GLU B 23 16.52 -18.18 -8.92
C GLU B 23 15.11 -18.39 -9.48
N ARG B 24 14.33 -17.32 -9.61
CA ARG B 24 13.03 -17.43 -10.23
C ARG B 24 13.14 -17.86 -11.70
N ARG B 25 14.19 -17.40 -12.38
CA ARG B 25 14.40 -17.80 -13.77
C ARG B 25 14.62 -19.31 -13.87
N ALA B 26 15.45 -19.85 -12.98
CA ALA B 26 15.73 -21.29 -12.99
C ALA B 26 14.50 -22.10 -12.64
N SER B 27 13.74 -21.66 -11.62
CA SER B 27 12.52 -22.37 -11.26
C SER B 27 11.41 -22.17 -12.29
N GLU B 28 11.45 -21.07 -13.04
CA GLU B 28 10.51 -20.92 -14.15
C GLU B 28 10.84 -21.87 -15.29
N GLU B 29 12.13 -22.06 -15.58
CA GLU B 29 12.55 -22.98 -16.63
C GLU B 29 12.40 -24.43 -16.21
N GLU B 30 12.57 -24.74 -14.92
CA GLU B 30 12.32 -26.10 -14.44
C GLU B 30 10.85 -26.47 -14.64
N GLU B 31 9.95 -25.54 -14.34
CA GLU B 31 8.53 -25.79 -14.57
C GLU B 31 8.24 -25.94 -16.06
N ASN B 32 8.79 -25.06 -16.89
CA ASN B 32 8.55 -25.11 -18.32
C ASN B 32 9.02 -26.43 -18.92
N LYS B 33 10.19 -26.90 -18.49
CA LYS B 33 10.71 -28.16 -18.99
C LYS B 33 9.80 -29.33 -18.60
N ALA B 34 9.32 -29.32 -17.34
CA ALA B 34 8.45 -30.40 -16.88
C ALA B 34 7.12 -30.41 -17.63
N SER B 35 6.52 -29.23 -17.82
CA SER B 35 5.24 -29.18 -18.50
C SER B 35 5.39 -29.48 -19.98
N GLU B 36 6.45 -28.98 -20.61
CA GLU B 36 6.67 -29.28 -22.03
C GLU B 36 6.96 -30.76 -22.24
N GLU B 37 7.71 -31.36 -21.32
CA GLU B 37 7.96 -32.80 -21.39
C GLU B 37 6.67 -33.59 -21.23
N TYR B 38 5.77 -33.12 -20.36
CA TYR B 38 4.49 -33.80 -20.19
C TYR B 38 3.60 -33.66 -21.42
N ILE B 39 3.70 -32.53 -22.12
CA ILE B 39 2.86 -32.32 -23.30
C ILE B 39 3.37 -33.15 -24.47
N GLN B 40 4.70 -33.23 -24.63
CA GLN B 40 5.27 -34.05 -25.70
C GLN B 40 4.84 -35.50 -25.57
N ARG B 41 4.89 -36.04 -24.34
CA ARG B 41 4.37 -37.38 -24.11
C ARG B 41 2.88 -37.45 -24.38
N LEU B 42 2.12 -36.51 -23.81
CA LEU B 42 0.66 -36.53 -23.94
C LEU B 42 0.22 -36.53 -25.40
N LEU B 43 0.79 -35.65 -26.21
CA LEU B 43 0.44 -35.62 -27.62
C LEU B 43 0.89 -36.89 -28.33
N ALA B 44 2.03 -37.43 -27.93
CA ALA B 44 2.52 -38.66 -28.54
C ALA B 44 1.60 -39.84 -28.22
N GLU B 45 1.01 -39.86 -27.02
CA GLU B 45 0.02 -40.88 -26.70
C GLU B 45 -1.19 -40.76 -27.62
N GLU B 46 -1.68 -39.54 -27.81
CA GLU B 46 -2.92 -39.32 -28.55
C GLU B 46 -2.74 -39.54 -30.05
N GLU B 47 -1.57 -39.23 -30.59
CA GLU B 47 -1.38 -39.34 -32.03
C GLU B 47 -1.17 -40.79 -32.47
N GLU B 48 -0.58 -41.62 -31.61
CA GLU B 48 -0.50 -43.05 -31.93
C GLU B 48 -1.84 -43.74 -31.70
N GLU B 49 -2.66 -43.22 -30.78
CA GLU B 49 -4.02 -43.71 -30.65
C GLU B 49 -4.83 -43.41 -31.91
N GLU B 50 -4.54 -42.29 -32.58
CA GLU B 50 -5.20 -41.98 -33.84
C GLU B 50 -4.76 -42.91 -34.95
N LYS B 51 -3.43 -43.10 -35.09
CA LYS B 51 -2.93 -43.94 -36.17
C LYS B 51 -3.13 -45.43 -35.90
N ARG B 52 -3.34 -45.82 -34.65
CA ARG B 52 -3.83 -47.16 -34.38
C ARG B 52 -5.27 -47.29 -34.87
N GLN B 53 -6.10 -46.27 -34.63
CA GLN B 53 -7.48 -46.29 -35.07
C GLN B 53 -7.58 -46.05 -36.58
N ALA B 54 -6.66 -45.29 -37.15
CA ALA B 54 -6.68 -45.05 -38.59
C ALA B 54 -6.34 -46.34 -39.34
N GLU B 55 -5.37 -47.11 -38.84
CA GLU B 55 -5.05 -48.39 -39.46
C GLU B 55 -6.23 -49.36 -39.37
N LYS B 56 -7.05 -49.24 -38.32
CA LYS B 56 -8.21 -50.11 -38.18
C LYS B 56 -9.26 -49.79 -39.24
N ARG B 57 -9.51 -48.50 -39.48
CA ARG B 57 -10.43 -48.12 -40.55
C ARG B 57 -9.86 -48.49 -41.92
N ARG B 58 -8.54 -48.47 -42.06
CA ARG B 58 -7.92 -48.86 -43.32
C ARG B 58 -8.13 -50.35 -43.60
N ARG B 59 -8.02 -51.17 -42.55
CA ARG B 59 -8.23 -52.61 -42.74
C ARG B 59 -9.69 -52.94 -42.99
N ALA B 60 -10.61 -52.25 -42.30
CA ALA B 60 -12.02 -52.55 -42.44
C ALA B 60 -12.51 -52.22 -43.85
N MET B 61 -12.07 -51.08 -44.40
CA MET B 61 -12.53 -50.68 -45.72
C MET B 61 -11.79 -51.42 -46.83
N GLU B 62 -10.57 -51.91 -46.56
CA GLU B 62 -9.86 -52.70 -47.56
C GLU B 62 -10.51 -54.06 -47.74
N GLU B 63 -10.83 -54.74 -46.63
CA GLU B 63 -11.56 -56.00 -46.73
C GLU B 63 -12.94 -55.80 -47.34
N GLN B 64 -13.55 -54.63 -47.12
CA GLN B 64 -14.82 -54.32 -47.76
C GLN B 64 -14.65 -54.10 -49.25
N LEU B 65 -13.56 -53.46 -49.65
CA LEU B 65 -13.29 -53.25 -51.07
C LEU B 65 -13.05 -54.57 -51.78
N LYS B 66 -12.31 -55.49 -51.15
CA LYS B 66 -12.12 -56.81 -51.73
C LYS B 66 -13.43 -57.60 -51.76
N SER B 67 -14.26 -57.42 -50.74
CA SER B 67 -15.55 -58.14 -50.69
C SER B 67 -16.47 -57.66 -51.81
N ASP B 68 -16.65 -56.34 -51.94
CA ASP B 68 -17.53 -55.81 -52.97
C ASP B 68 -17.00 -56.07 -54.37
N GLU B 69 -15.68 -56.19 -54.52
CA GLU B 69 -15.11 -56.46 -55.84
C GLU B 69 -15.54 -57.82 -56.36
N GLU B 70 -15.39 -58.85 -55.54
CA GLU B 70 -15.78 -60.20 -55.97
C GLU B 70 -17.29 -60.38 -56.01
N LEU B 71 -18.04 -59.58 -55.24
CA LEU B 71 -19.48 -59.57 -55.42
C LEU B 71 -19.85 -58.92 -56.75
N ALA B 72 -19.09 -57.92 -57.17
CA ALA B 72 -19.33 -57.30 -58.47
C ALA B 72 -19.09 -58.27 -59.61
N ARG B 73 -18.04 -59.09 -59.50
CA ARG B 73 -17.77 -60.07 -60.55
C ARG B 73 -18.77 -61.21 -60.51
N LYS B 74 -19.16 -61.64 -59.30
CA LYS B 74 -20.24 -62.60 -59.17
C LYS B 74 -21.52 -62.09 -59.82
N LEU B 75 -21.73 -60.77 -59.78
CA LEU B 75 -22.97 -60.17 -60.26
C LEU B 75 -22.96 -59.91 -61.76
N SER B 76 -21.79 -59.86 -62.39
CA SER B 76 -21.69 -59.57 -63.81
C SER B 76 -21.89 -60.82 -64.69
N ILE B 77 -22.19 -61.98 -64.08
CA ILE B 77 -22.43 -63.20 -64.83
C ILE B 77 -23.82 -63.77 -64.57
N ASP B 78 -24.29 -63.73 -63.31
CA ASP B 78 -25.67 -64.11 -63.06
C ASP B 78 -26.64 -63.11 -63.65
N ILE B 79 -26.19 -61.89 -63.90
CA ILE B 79 -26.98 -60.91 -64.63
C ILE B 79 -27.31 -61.42 -66.03
N ASN B 80 -26.58 -62.44 -66.49
CA ASN B 80 -26.68 -63.02 -67.83
C ASN B 80 -26.81 -61.93 -68.89
N MET C 1 -4.38 -11.76 -8.04
CA MET C 1 -3.01 -11.93 -8.50
C MET C 1 -2.98 -12.16 -10.00
N GLN C 2 -1.81 -12.00 -10.60
CA GLN C 2 -1.63 -12.17 -12.03
C GLN C 2 -0.89 -13.48 -12.31
N ILE C 3 -1.38 -14.25 -13.28
CA ILE C 3 -0.72 -15.44 -13.78
C ILE C 3 -0.61 -15.35 -15.29
N PHE C 4 0.19 -16.25 -15.86
CA PHE C 4 0.40 -16.33 -17.28
C PHE C 4 -0.03 -17.70 -17.80
N VAL C 5 -0.52 -17.73 -19.03
CA VAL C 5 -0.90 -18.96 -19.71
C VAL C 5 -0.16 -19.01 -21.04
N LYS C 6 0.69 -20.02 -21.21
CA LYS C 6 1.50 -20.16 -22.42
C LYS C 6 0.83 -21.16 -23.35
N THR C 7 0.64 -20.76 -24.60
CA THR C 7 0.10 -21.62 -25.63
C THR C 7 1.21 -22.20 -26.50
N LEU C 8 0.85 -23.23 -27.26
CA LEU C 8 1.74 -23.83 -28.25
C LEU C 8 1.84 -23.00 -29.53
N THR C 9 1.04 -21.93 -29.63
CA THR C 9 1.02 -21.04 -30.78
C THR C 9 1.91 -19.82 -30.62
N GLY C 10 2.75 -19.77 -29.60
CA GLY C 10 3.63 -18.63 -29.41
C GLY C 10 3.00 -17.49 -28.67
N LYS C 11 1.83 -17.69 -28.07
CA LYS C 11 1.13 -16.66 -27.33
C LYS C 11 1.28 -16.90 -25.83
N THR C 12 1.58 -15.85 -25.09
CA THR C 12 1.48 -15.87 -23.64
C THR C 12 0.33 -14.96 -23.26
N ILE C 13 -0.61 -15.49 -22.48
CA ILE C 13 -1.75 -14.72 -22.02
C ILE C 13 -1.54 -14.35 -20.57
N THR C 14 -2.04 -13.18 -20.21
CA THR C 14 -1.97 -12.68 -18.84
C THR C 14 -3.38 -12.67 -18.27
N LEU C 15 -3.54 -13.27 -17.09
CA LEU C 15 -4.83 -13.37 -16.43
C LEU C 15 -4.72 -12.81 -15.02
N GLU C 16 -5.75 -12.07 -14.62
CA GLU C 16 -5.87 -11.61 -13.23
C GLU C 16 -6.88 -12.54 -12.56
N VAL C 17 -6.36 -13.47 -11.75
CA VAL C 17 -7.18 -14.52 -11.17
C VAL C 17 -7.32 -14.26 -9.67
N GLU C 18 -8.23 -14.99 -9.08
CA GLU C 18 -8.31 -15.04 -7.62
C GLU C 18 -7.54 -16.26 -7.16
N PRO C 19 -6.88 -16.18 -5.99
CA PRO C 19 -6.08 -17.32 -5.55
C PRO C 19 -6.91 -18.59 -5.38
N SER C 20 -8.20 -18.44 -5.13
CA SER C 20 -9.13 -19.56 -4.98
C SER C 20 -9.99 -19.82 -6.22
N ASP C 21 -9.75 -19.11 -7.33
CA ASP C 21 -10.50 -19.40 -8.55
C ASP C 21 -10.27 -20.83 -9.01
N THR C 22 -11.36 -21.49 -9.39
CA THR C 22 -11.25 -22.83 -9.92
C THR C 22 -10.63 -22.80 -11.32
N ILE C 23 -10.15 -23.96 -11.76
CA ILE C 23 -9.64 -24.08 -13.13
C ILE C 23 -10.76 -23.83 -14.12
N GLU C 24 -12.00 -24.21 -13.77
CA GLU C 24 -13.13 -23.92 -14.64
C GLU C 24 -13.30 -22.41 -14.79
N ASN C 25 -13.08 -21.64 -13.72
CA ASN C 25 -13.14 -20.18 -13.82
C ASN C 25 -12.00 -19.64 -14.67
N VAL C 26 -10.82 -20.27 -14.62
CA VAL C 26 -9.70 -19.80 -15.42
C VAL C 26 -9.93 -20.09 -16.89
N LYS C 27 -10.39 -21.30 -17.21
CA LYS C 27 -10.69 -21.64 -18.61
C LYS C 27 -11.79 -20.74 -19.16
N ALA C 28 -12.73 -20.31 -18.31
CA ALA C 28 -13.76 -19.39 -18.76
C ALA C 28 -13.18 -18.06 -19.19
N LYS C 29 -12.16 -17.57 -18.46
CA LYS C 29 -11.53 -16.31 -18.83
C LYS C 29 -10.64 -16.45 -20.05
N ILE C 30 -10.11 -17.65 -20.31
CA ILE C 30 -9.35 -17.87 -21.53
C ILE C 30 -10.27 -17.74 -22.74
N GLN C 31 -11.51 -18.22 -22.62
CA GLN C 31 -12.48 -18.02 -23.68
C GLN C 31 -12.82 -16.55 -23.83
N ASP C 32 -12.86 -15.81 -22.72
CA ASP C 32 -13.22 -14.40 -22.77
C ASP C 32 -12.22 -13.57 -23.59
N LYS C 33 -10.94 -13.96 -23.60
CA LYS C 33 -9.96 -13.27 -24.45
C LYS C 33 -9.59 -13.98 -25.74
N GLU C 34 -9.71 -15.31 -25.83
CA GLU C 34 -9.22 -16.02 -27.00
C GLU C 34 -10.30 -16.71 -27.81
N GLY C 35 -11.53 -16.82 -27.29
CA GLY C 35 -12.59 -17.49 -28.01
C GLY C 35 -12.46 -19.00 -28.04
N ILE C 36 -11.64 -19.58 -27.18
CA ILE C 36 -11.46 -21.02 -27.11
C ILE C 36 -12.49 -21.59 -26.13
N PRO C 37 -13.39 -22.46 -26.57
CA PRO C 37 -14.36 -23.05 -25.64
C PRO C 37 -13.64 -23.82 -24.55
N PRO C 38 -14.07 -23.68 -23.29
CA PRO C 38 -13.35 -24.34 -22.19
C PRO C 38 -13.32 -25.85 -22.29
N ASP C 39 -14.31 -26.47 -22.92
CA ASP C 39 -14.31 -27.92 -23.07
C ASP C 39 -13.21 -28.41 -24.00
N GLN C 40 -12.58 -27.53 -24.76
CA GLN C 40 -11.46 -27.86 -25.63
C GLN C 40 -10.11 -27.55 -25.00
N GLN C 41 -10.10 -26.97 -23.81
CA GLN C 41 -8.86 -26.53 -23.17
C GLN C 41 -8.34 -27.58 -22.20
N ARG C 42 -7.03 -27.67 -22.10
CA ARG C 42 -6.36 -28.46 -21.07
C ARG C 42 -5.22 -27.63 -20.53
N LEU C 43 -5.26 -27.33 -19.23
CA LEU C 43 -4.25 -26.50 -18.58
C LEU C 43 -3.28 -27.40 -17.83
N ILE C 44 -1.99 -27.15 -18.02
CA ILE C 44 -0.93 -27.99 -17.46
C ILE C 44 0.02 -27.11 -16.66
N PHE C 45 0.39 -27.57 -15.47
CA PHE C 45 1.34 -26.85 -14.61
C PHE C 45 2.23 -27.85 -13.90
N ALA C 46 3.54 -27.62 -13.98
CA ALA C 46 4.54 -28.48 -13.34
C ALA C 46 4.38 -29.93 -13.78
N GLY C 47 4.09 -30.14 -15.06
CA GLY C 47 4.02 -31.48 -15.61
C GLY C 47 2.80 -32.29 -15.23
N LYS C 48 1.66 -31.65 -14.96
CA LYS C 48 0.46 -32.38 -14.61
C LYS C 48 -0.77 -31.56 -15.00
N GLN C 49 -1.83 -32.27 -15.38
CA GLN C 49 -3.06 -31.63 -15.85
C GLN C 49 -3.97 -31.20 -14.70
N LEU C 50 -4.54 -30.00 -14.82
CA LEU C 50 -5.37 -29.40 -13.80
C LEU C 50 -6.85 -29.61 -14.10
N GLU C 51 -7.61 -30.00 -13.07
CA GLU C 51 -9.04 -30.27 -13.19
C GLU C 51 -9.90 -29.06 -12.83
N ASP C 52 -11.06 -28.96 -13.50
CA ASP C 52 -11.91 -27.77 -13.41
C ASP C 52 -12.38 -27.50 -11.99
N GLY C 53 -12.70 -28.56 -11.24
CA GLY C 53 -13.25 -28.33 -9.91
C GLY C 53 -12.24 -27.85 -8.91
N ARG C 54 -10.96 -28.15 -9.11
CA ARG C 54 -9.97 -27.75 -8.14
C ARG C 54 -9.59 -26.29 -8.40
N THR C 55 -9.13 -25.60 -7.36
CA THR C 55 -8.75 -24.20 -7.46
C THR C 55 -7.23 -24.07 -7.64
N LEU C 56 -6.80 -22.86 -8.02
CA LEU C 56 -5.37 -22.61 -8.17
C LEU C 56 -4.64 -22.72 -6.84
N SER C 57 -5.29 -22.33 -5.74
CA SER C 57 -4.66 -22.51 -4.44
C SER C 57 -4.47 -23.99 -4.12
N ASP C 58 -5.35 -24.85 -4.65
CA ASP C 58 -5.17 -26.28 -4.47
C ASP C 58 -3.87 -26.76 -5.11
N TYR C 59 -3.54 -26.21 -6.28
CA TYR C 59 -2.32 -26.57 -7.00
C TYR C 59 -1.14 -25.66 -6.69
N ASN C 60 -1.19 -24.97 -5.54
CA ASN C 60 -0.16 -24.01 -5.10
C ASN C 60 0.36 -23.18 -6.27
N ILE C 61 -0.59 -22.62 -7.04
CA ILE C 61 -0.28 -21.70 -8.12
C ILE C 61 -0.03 -20.34 -7.49
N GLN C 62 1.21 -19.88 -7.49
CA GLN C 62 1.49 -18.60 -6.86
C GLN C 62 1.45 -17.50 -7.91
N LYS C 63 1.70 -16.26 -7.47
CA LYS C 63 1.65 -15.13 -8.37
C LYS C 63 2.73 -15.25 -9.44
N GLU C 64 2.39 -14.77 -10.65
CA GLU C 64 3.26 -14.78 -11.82
C GLU C 64 3.60 -16.19 -12.29
N SER C 65 2.83 -17.19 -11.88
CA SER C 65 3.00 -18.53 -12.40
C SER C 65 2.55 -18.62 -13.85
N THR C 66 3.14 -19.57 -14.58
CA THR C 66 2.86 -19.78 -15.99
C THR C 66 2.18 -21.13 -16.18
N LEU C 67 0.95 -21.10 -16.68
CA LEU C 67 0.26 -22.32 -17.10
C LEU C 67 0.45 -22.57 -18.59
N HIS C 68 0.35 -23.83 -18.97
CA HIS C 68 0.55 -24.23 -20.35
C HIS C 68 -0.79 -24.70 -20.90
N LEU C 69 -1.25 -24.06 -21.97
CA LEU C 69 -2.54 -24.37 -22.57
C LEU C 69 -2.34 -25.28 -23.77
N VAL C 70 -3.01 -26.42 -23.75
CA VAL C 70 -3.01 -27.37 -24.86
C VAL C 70 -4.46 -27.66 -25.24
N LEU C 71 -4.76 -27.58 -26.54
CA LEU C 71 -6.11 -27.84 -26.99
C LEU C 71 -6.27 -29.32 -27.30
N ARG C 72 -7.51 -29.73 -27.54
CA ARG C 72 -7.81 -31.08 -27.93
C ARG C 72 -7.97 -31.17 -29.45
N LEU C 73 -7.77 -32.37 -29.97
CA LEU C 73 -7.75 -32.57 -31.42
C LEU C 73 -9.08 -32.18 -32.05
N ARG C 74 -9.01 -31.30 -33.04
CA ARG C 74 -10.17 -30.95 -33.87
C ARG C 74 -11.35 -30.43 -33.04
N PRO D 6 -12.54 -8.53 -6.95
CA PRO D 6 -13.31 -9.08 -5.83
C PRO D 6 -12.48 -9.07 -4.56
N GLY D 7 -11.82 -10.19 -4.30
CA GLY D 7 -10.82 -10.21 -3.25
C GLY D 7 -9.65 -9.30 -3.57
N GLU D 8 -9.22 -9.29 -4.84
CA GLU D 8 -8.06 -8.50 -5.22
C GLU D 8 -8.35 -7.01 -5.16
N LEU D 9 -9.56 -6.59 -5.52
CA LEU D 9 -9.93 -5.19 -5.30
C LEU D 9 -9.93 -4.85 -3.81
N ARG D 10 -10.37 -5.80 -2.97
CA ARG D 10 -10.32 -5.60 -1.53
C ARG D 10 -8.89 -5.50 -1.04
N ARG D 11 -8.01 -6.39 -1.51
CA ARG D 11 -6.62 -6.36 -1.08
C ARG D 11 -5.93 -5.07 -1.50
N GLU D 12 -6.27 -4.55 -2.69
CA GLU D 12 -5.66 -3.31 -3.13
C GLU D 12 -6.14 -2.12 -2.30
N TYR D 13 -7.41 -2.14 -1.91
CA TYR D 13 -7.94 -1.09 -1.05
C TYR D 13 -7.27 -1.13 0.33
N GLU D 14 -7.11 -2.32 0.90
CA GLU D 14 -6.50 -2.43 2.22
C GLU D 14 -5.04 -2.02 2.20
N GLU D 15 -4.32 -2.37 1.13
CA GLU D 15 -2.94 -1.91 0.98
C GLU D 15 -2.86 -0.40 0.93
N GLU D 16 -3.77 0.24 0.18
CA GLU D 16 -3.74 1.69 0.06
C GLU D 16 -4.16 2.37 1.35
N ILE D 17 -5.08 1.75 2.10
CA ILE D 17 -5.44 2.29 3.42
C ILE D 17 -4.25 2.19 4.37
N SER D 18 -3.54 1.05 4.36
CA SER D 18 -2.34 0.94 5.18
C SER D 18 -1.27 1.92 4.75
N LYS D 19 -1.17 2.18 3.44
CA LYS D 19 -0.18 3.13 2.94
C LYS D 19 -0.52 4.55 3.37
N VAL D 20 -1.79 4.94 3.30
CA VAL D 20 -2.19 6.28 3.72
C VAL D 20 -1.98 6.45 5.22
N ALA D 21 -2.29 5.42 6.01
CA ALA D 21 -2.12 5.51 7.46
C ALA D 21 -0.66 5.74 7.82
N ALA D 22 0.26 5.07 7.12
CA ALA D 22 1.69 5.28 7.36
C ALA D 22 2.12 6.67 6.92
N GLU D 23 1.53 7.19 5.84
CA GLU D 23 1.83 8.55 5.41
C GLU D 23 1.35 9.57 6.43
N ARG D 24 0.24 9.30 7.11
CA ARG D 24 -0.27 10.23 8.10
C ARG D 24 0.54 10.21 9.39
N ARG D 25 1.05 9.03 9.78
CA ARG D 25 1.94 8.97 10.93
C ARG D 25 3.25 9.69 10.67
N ALA D 26 3.72 9.68 9.42
CA ALA D 26 4.96 10.37 9.08
C ALA D 26 4.79 11.88 9.11
N SER D 27 3.66 12.37 8.60
CA SER D 27 3.39 13.80 8.67
C SER D 27 3.15 14.24 10.11
N GLU D 28 2.43 13.42 10.88
CA GLU D 28 2.20 13.74 12.30
C GLU D 28 3.51 13.80 13.07
N GLU D 29 4.44 12.90 12.74
CA GLU D 29 5.75 12.92 13.40
C GLU D 29 6.57 14.11 12.92
N GLU D 30 6.55 14.37 11.61
CA GLU D 30 7.31 15.50 11.07
C GLU D 30 6.80 16.82 11.63
N GLU D 31 5.48 16.96 11.75
CA GLU D 31 4.91 18.17 12.34
C GLU D 31 5.34 18.32 13.79
N ASN D 32 5.23 17.25 14.58
CA ASN D 32 5.54 17.34 16.00
C ASN D 32 7.03 17.63 16.21
N LYS D 33 7.89 17.03 15.39
CA LYS D 33 9.32 17.31 15.50
C LYS D 33 9.63 18.76 15.18
N ALA D 34 8.95 19.32 14.18
CA ALA D 34 9.20 20.70 13.80
C ALA D 34 8.68 21.67 14.85
N SER D 35 7.53 21.36 15.46
CA SER D 35 6.94 22.28 16.44
C SER D 35 7.71 22.26 17.76
N GLU D 36 8.08 21.06 18.24
CA GLU D 36 8.84 20.98 19.49
C GLU D 36 10.20 21.65 19.35
N GLU D 37 10.82 21.56 18.17
CA GLU D 37 12.09 22.24 17.96
C GLU D 37 11.90 23.76 18.00
N TYR D 38 10.80 24.24 17.42
CA TYR D 38 10.53 25.68 17.44
C TYR D 38 10.16 26.14 18.86
N ILE D 39 9.37 25.35 19.57
CA ILE D 39 8.97 25.72 20.93
C ILE D 39 10.17 25.76 21.85
N GLN D 40 11.03 24.74 21.77
CA GLN D 40 12.25 24.72 22.57
C GLN D 40 13.12 25.94 22.26
N ARG D 41 13.13 26.37 21.00
CA ARG D 41 13.87 27.58 20.65
C ARG D 41 13.20 28.82 21.23
N LEU D 42 11.87 28.88 21.16
CA LEU D 42 11.14 30.03 21.69
C LEU D 42 11.28 30.13 23.21
N LEU D 43 11.23 28.98 23.91
CA LEU D 43 11.35 29.02 25.36
C LEU D 43 12.75 29.41 25.80
N ALA D 44 13.78 28.94 25.07
CA ALA D 44 15.14 29.33 25.40
C ALA D 44 15.36 30.82 25.20
N GLU D 45 14.75 31.40 24.17
CA GLU D 45 14.87 32.84 23.94
C GLU D 45 14.17 33.64 25.02
N GLU D 46 13.01 33.17 25.48
CA GLU D 46 12.30 33.87 26.54
C GLU D 46 13.02 33.73 27.87
N GLU D 47 13.65 32.58 28.12
CA GLU D 47 14.44 32.41 29.33
C GLU D 47 15.68 33.29 29.30
N GLU D 48 16.31 33.42 28.13
CA GLU D 48 17.49 34.27 28.02
C GLU D 48 17.13 35.73 28.22
N GLU D 49 15.98 36.16 27.70
CA GLU D 49 15.57 37.55 27.83
C GLU D 49 15.34 37.93 29.29
N GLU D 50 14.75 37.02 30.08
CA GLU D 50 14.51 37.31 31.49
C GLU D 50 15.79 37.28 32.31
N LYS D 51 16.77 36.45 31.92
CA LYS D 51 18.05 36.45 32.60
C LYS D 51 18.78 37.77 32.42
N ARG D 52 18.73 38.33 31.19
CA ARG D 52 19.36 39.62 30.95
C ARG D 52 18.64 40.74 31.70
N GLN D 53 17.32 40.63 31.84
CA GLN D 53 16.60 41.57 32.70
C GLN D 53 17.00 41.38 34.16
N ALA D 54 17.26 40.13 34.56
CA ALA D 54 17.66 39.86 35.94
C ALA D 54 19.04 40.42 36.22
N GLU D 55 19.98 40.27 35.28
CA GLU D 55 21.32 40.81 35.49
C GLU D 55 21.34 42.33 35.44
N LYS D 56 20.44 42.95 34.67
CA LYS D 56 20.34 44.40 34.68
C LYS D 56 19.87 44.90 36.04
N ARG D 57 18.90 44.23 36.65
CA ARG D 57 18.54 44.56 38.03
C ARG D 57 19.65 44.14 39.00
N ARG D 58 20.44 43.14 38.63
CA ARG D 58 21.48 42.65 39.52
C ARG D 58 22.58 43.68 39.70
N ARG D 59 23.10 44.22 38.60
CA ARG D 59 24.14 45.25 38.69
C ARG D 59 23.58 46.60 39.12
N ALA D 60 22.27 46.81 38.98
CA ALA D 60 21.67 48.03 39.53
C ALA D 60 21.70 48.02 41.04
N MET D 61 21.36 46.88 41.65
CA MET D 61 21.35 46.78 43.11
C MET D 61 22.77 46.72 43.68
N GLU D 62 23.71 46.13 42.94
CA GLU D 62 25.10 46.09 43.41
C GLU D 62 25.74 47.47 43.30
N GLU D 63 25.35 48.25 42.29
CA GLU D 63 25.75 49.65 42.25
C GLU D 63 25.19 50.41 43.44
N GLN D 64 23.93 50.14 43.80
CA GLN D 64 23.33 50.77 44.97
C GLN D 64 24.04 50.34 46.24
N LEU D 65 24.49 49.08 46.31
CA LEU D 65 25.20 48.62 47.50
C LEU D 65 26.56 49.26 47.62
N LYS D 66 27.28 49.39 46.50
CA LYS D 66 28.56 50.08 46.51
C LYS D 66 28.40 51.54 46.96
N SER D 67 27.30 52.18 46.53
CA SER D 67 27.05 53.55 46.96
C SER D 67 26.70 53.61 48.45
N ASP D 68 25.95 52.62 48.95
CA ASP D 68 25.60 52.59 50.36
C ASP D 68 26.83 52.32 51.24
N GLU D 69 27.77 51.51 50.75
CA GLU D 69 28.98 51.24 51.52
C GLU D 69 29.82 52.49 51.69
N GLU D 70 29.97 53.28 50.62
CA GLU D 70 30.76 54.50 50.70
C GLU D 70 30.11 55.50 51.64
N LEU D 71 28.78 55.56 51.65
CA LEU D 71 28.08 56.41 52.62
C LEU D 71 28.22 55.86 54.04
N ALA D 72 28.13 54.54 54.19
CA ALA D 72 28.31 53.94 55.52
C ALA D 72 29.70 54.23 56.06
N ARG D 73 30.71 54.18 55.20
CA ARG D 73 32.07 54.48 55.64
C ARG D 73 32.19 55.94 56.08
N LYS D 74 31.60 56.86 55.33
CA LYS D 74 31.64 58.27 55.72
C LYS D 74 30.92 58.50 57.04
N LEU D 75 29.77 57.83 57.23
CA LEU D 75 29.02 58.01 58.48
C LEU D 75 29.78 57.44 59.67
N SER D 76 30.45 56.30 59.50
CA SER D 76 31.14 55.66 60.60
C SER D 76 32.32 56.48 61.08
N ILE D 77 33.05 57.10 60.16
CA ILE D 77 34.17 57.97 60.54
C ILE D 77 33.64 59.21 61.26
N ASP D 78 32.50 59.72 60.83
CA ASP D 78 31.97 60.96 61.38
C ASP D 78 31.50 60.78 62.83
N ILE D 79 30.63 59.79 63.07
CA ILE D 79 29.97 59.68 64.37
C ILE D 79 30.83 59.05 65.44
N ASN D 80 31.97 58.46 65.08
CA ASN D 80 32.86 57.81 66.05
C ASN D 80 33.92 58.81 66.46
N ASN D 81 33.69 59.49 67.58
CA ASN D 81 34.60 60.51 68.08
C ASN D 81 35.70 59.88 68.93
N MET E 1 -15.25 18.64 11.62
CA MET E 1 -13.94 18.00 11.66
C MET E 1 -13.34 18.12 13.06
N GLN E 2 -12.44 17.21 13.41
CA GLN E 2 -11.81 17.19 14.73
C GLN E 2 -10.32 17.44 14.61
N ILE E 3 -9.80 18.34 15.46
CA ILE E 3 -8.37 18.56 15.61
C ILE E 3 -8.01 18.46 17.08
N PHE E 4 -6.71 18.37 17.34
CA PHE E 4 -6.19 18.26 18.70
C PHE E 4 -5.25 19.42 19.00
N VAL E 5 -5.25 19.84 20.26
CA VAL E 5 -4.38 20.89 20.75
C VAL E 5 -3.60 20.34 21.94
N LYS E 6 -2.28 20.29 21.82
CA LYS E 6 -1.43 19.76 22.87
C LYS E 6 -0.82 20.94 23.63
N THR E 7 -0.93 20.91 24.95
CA THR E 7 -0.35 21.93 25.80
C THR E 7 1.00 21.47 26.33
N LEU E 8 1.75 22.43 26.88
CA LEU E 8 3.05 22.14 27.47
C LEU E 8 2.94 21.46 28.83
N THR E 9 1.72 21.32 29.38
CA THR E 9 1.51 20.64 30.64
C THR E 9 1.09 19.18 30.45
N GLY E 10 1.15 18.67 29.23
CA GLY E 10 0.83 17.28 28.96
C GLY E 10 -0.64 16.97 28.71
N LYS E 11 -1.49 17.98 28.59
CA LYS E 11 -2.90 17.76 28.27
C LYS E 11 -3.14 17.99 26.79
N THR E 12 -3.96 17.14 26.19
CA THR E 12 -4.41 17.30 24.80
C THR E 12 -5.87 17.69 24.81
N ILE E 13 -6.21 18.76 24.09
CA ILE E 13 -7.58 19.22 23.98
C ILE E 13 -8.15 18.80 22.63
N THR E 14 -9.44 18.52 22.60
CA THR E 14 -10.14 18.13 21.39
C THR E 14 -11.10 19.23 21.00
N LEU E 15 -11.05 19.66 19.75
CA LEU E 15 -11.89 20.73 19.24
C LEU E 15 -12.62 20.26 17.99
N GLU E 16 -13.91 20.60 17.91
CA GLU E 16 -14.69 20.39 16.70
C GLU E 16 -14.62 21.66 15.86
N VAL E 17 -14.01 21.55 14.68
CA VAL E 17 -13.77 22.71 13.83
C VAL E 17 -14.09 22.37 12.38
N GLU E 18 -14.28 23.41 11.58
CA GLU E 18 -14.39 23.35 10.13
C GLU E 18 -13.15 23.95 9.49
N PRO E 19 -12.77 23.48 8.29
CA PRO E 19 -11.56 24.00 7.63
C PRO E 19 -11.54 25.51 7.43
N SER E 20 -12.70 26.18 7.44
CA SER E 20 -12.76 27.62 7.21
C SER E 20 -12.72 28.41 8.52
N ASP E 21 -12.64 27.75 9.66
CA ASP E 21 -12.51 28.45 10.93
C ASP E 21 -11.19 29.21 10.98
N THR E 22 -11.25 30.46 11.42
CA THR E 22 -10.03 31.23 11.60
C THR E 22 -9.28 30.74 12.84
N ILE E 23 -8.00 31.12 12.92
CA ILE E 23 -7.21 30.76 14.10
C ILE E 23 -7.77 31.45 15.35
N GLU E 24 -8.29 32.66 15.21
CA GLU E 24 -8.91 33.32 16.36
C GLU E 24 -10.15 32.56 16.82
N ASN E 25 -10.94 32.02 15.89
CA ASN E 25 -12.08 31.21 16.27
C ASN E 25 -11.64 29.93 16.97
N VAL E 26 -10.47 29.40 16.59
CA VAL E 26 -9.93 28.24 17.28
C VAL E 26 -9.52 28.62 18.68
N LYS E 27 -8.89 29.80 18.84
CA LYS E 27 -8.52 30.29 20.16
C LYS E 27 -9.75 30.49 21.03
N ALA E 28 -10.87 30.89 20.43
CA ALA E 28 -12.11 31.06 21.18
C ALA E 28 -12.63 29.72 21.69
N LYS E 29 -12.50 28.66 20.89
CA LYS E 29 -12.94 27.34 21.32
C LYS E 29 -12.08 26.82 22.47
N ILE E 30 -10.79 27.12 22.45
CA ILE E 30 -9.92 26.74 23.55
C ILE E 30 -10.34 27.45 24.84
N GLN E 31 -10.77 28.71 24.72
CA GLN E 31 -11.26 29.44 25.89
C GLN E 31 -12.52 28.79 26.45
N ASP E 32 -13.38 28.28 25.57
CA ASP E 32 -14.58 27.59 26.03
C ASP E 32 -14.25 26.32 26.80
N LYS E 33 -13.09 25.70 26.51
CA LYS E 33 -12.74 24.44 27.15
C LYS E 33 -11.83 24.63 28.36
N GLU E 34 -10.99 25.66 28.34
CA GLU E 34 -9.97 25.85 29.36
C GLU E 34 -10.07 27.17 30.10
N GLY E 35 -10.85 28.14 29.62
CA GLY E 35 -10.88 29.43 30.26
C GLY E 35 -9.65 30.28 30.02
N ILE E 36 -8.84 29.93 29.02
CA ILE E 36 -7.63 30.67 28.70
C ILE E 36 -8.01 31.79 27.74
N PRO E 37 -7.79 33.05 28.10
CA PRO E 37 -8.14 34.16 27.20
C PRO E 37 -7.38 34.05 25.88
N PRO E 38 -8.05 34.34 24.76
CA PRO E 38 -7.40 34.16 23.46
C PRO E 38 -6.17 35.03 23.25
N ASP E 39 -6.12 36.20 23.89
CA ASP E 39 -4.95 37.06 23.73
C ASP E 39 -3.70 36.49 24.39
N GLN E 40 -3.85 35.48 25.25
CA GLN E 40 -2.72 34.82 25.89
C GLN E 40 -2.29 33.55 25.18
N GLN E 41 -2.98 33.14 24.12
CA GLN E 41 -2.72 31.87 23.45
C GLN E 41 -1.82 32.10 22.24
N ARG E 42 -0.77 31.29 22.12
CA ARG E 42 0.02 31.17 20.89
C ARG E 42 -0.12 29.74 20.38
N LEU E 43 -0.68 29.60 19.18
CA LEU E 43 -0.83 28.29 18.56
C LEU E 43 0.27 28.08 17.52
N ILE E 44 0.86 26.89 17.56
CA ILE E 44 2.01 26.55 16.72
C ILE E 44 1.67 25.28 15.95
N PHE E 45 1.96 25.28 14.64
CA PHE E 45 1.76 24.12 13.79
C PHE E 45 2.84 24.09 12.74
N ALA E 46 3.48 22.92 12.61
CA ALA E 46 4.58 22.72 11.65
C ALA E 46 5.70 23.72 11.88
N GLY E 47 6.02 23.97 13.15
CA GLY E 47 7.14 24.83 13.49
C GLY E 47 6.94 26.31 13.27
N LYS E 48 5.69 26.78 13.26
CA LYS E 48 5.41 28.19 13.02
C LYS E 48 4.20 28.62 13.83
N GLN E 49 4.19 29.90 14.20
CA GLN E 49 3.05 30.49 14.88
C GLN E 49 1.97 30.85 13.87
N LEU E 50 0.73 30.58 14.22
CA LEU E 50 -0.40 30.77 13.33
C LEU E 50 -1.03 32.14 13.57
N GLU E 51 -1.39 32.81 12.47
CA GLU E 51 -1.93 34.16 12.57
C GLU E 51 -3.44 34.09 12.78
N ASP E 52 -3.96 35.03 13.57
CA ASP E 52 -5.37 34.97 13.97
C ASP E 52 -6.30 35.08 12.77
N GLY E 53 -5.93 35.89 11.77
CA GLY E 53 -6.82 36.12 10.65
C GLY E 53 -6.90 34.96 9.67
N ARG E 54 -5.90 34.09 9.66
CA ARG E 54 -5.84 32.99 8.71
C ARG E 54 -6.75 31.84 9.17
N THR E 55 -7.20 31.06 8.20
CA THR E 55 -8.04 29.90 8.46
C THR E 55 -7.19 28.64 8.56
N LEU E 56 -7.81 27.56 9.06
CA LEU E 56 -7.12 26.29 9.16
C LEU E 56 -6.76 25.73 7.79
N SER E 57 -7.62 25.95 6.80
CA SER E 57 -7.33 25.48 5.44
C SER E 57 -6.15 26.22 4.84
N ASP E 58 -5.94 27.49 5.21
CA ASP E 58 -4.79 28.22 4.71
C ASP E 58 -3.48 27.57 5.12
N TYR E 59 -3.43 26.98 6.31
CA TYR E 59 -2.25 26.27 6.79
C TYR E 59 -2.26 24.80 6.44
N ASN E 60 -3.26 24.35 5.66
CA ASN E 60 -3.45 22.95 5.32
C ASN E 60 -3.48 22.07 6.57
N ILE E 61 -4.19 22.54 7.58
CA ILE E 61 -4.43 21.78 8.79
C ILE E 61 -5.66 20.92 8.54
N GLN E 62 -5.46 19.61 8.40
CA GLN E 62 -6.55 18.69 8.06
C GLN E 62 -7.07 18.03 9.33
N LYS E 63 -7.95 17.04 9.16
CA LYS E 63 -8.59 16.41 10.30
C LYS E 63 -7.56 15.72 11.18
N GLU E 64 -7.79 15.77 12.50
CA GLU E 64 -7.01 15.03 13.48
C GLU E 64 -5.56 15.51 13.53
N SER E 65 -5.29 16.68 12.97
CA SER E 65 -4.00 17.33 13.13
C SER E 65 -3.85 17.84 14.56
N THR E 66 -2.61 17.98 15.01
CA THR E 66 -2.31 18.40 16.37
C THR E 66 -1.68 19.79 16.36
N LEU E 67 -2.34 20.73 17.04
CA LEU E 67 -1.80 22.06 17.25
C LEU E 67 -1.08 22.11 18.59
N HIS E 68 -0.10 23.00 18.71
CA HIS E 68 0.67 23.15 19.94
C HIS E 68 0.33 24.50 20.57
N LEU E 69 -0.13 24.47 21.82
CA LEU E 69 -0.54 25.67 22.53
C LEU E 69 0.58 26.12 23.46
N VAL E 70 1.04 27.36 23.30
CA VAL E 70 2.02 27.98 24.19
C VAL E 70 1.41 29.29 24.67
N LEU E 71 1.43 29.52 25.97
CA LEU E 71 0.84 30.72 26.54
C LEU E 71 1.88 31.84 26.62
N ARG E 72 1.37 33.08 26.65
CA ARG E 72 2.22 34.27 26.65
C ARG E 72 2.64 34.62 28.07
N LEU E 73 3.18 35.82 28.24
CA LEU E 73 3.69 36.28 29.54
C LEU E 73 2.61 36.29 30.62
N MET F 1 20.91 10.71 18.22
CA MET F 1 22.00 9.77 18.43
C MET F 1 22.33 9.02 17.14
N GLN F 2 23.50 8.38 17.12
CA GLN F 2 23.99 7.69 15.94
C GLN F 2 23.92 6.18 16.18
N ILE F 3 23.37 5.44 15.23
CA ILE F 3 23.33 3.99 15.28
C ILE F 3 23.92 3.43 13.99
N PHE F 4 24.18 2.12 14.00
CA PHE F 4 24.76 1.43 12.86
C PHE F 4 23.82 0.34 12.39
N VAL F 5 23.82 0.11 11.07
CA VAL F 5 23.07 -0.97 10.44
C VAL F 5 24.05 -1.78 9.62
N LYS F 6 24.26 -3.03 10.00
CA LYS F 6 25.23 -3.89 9.34
C LYS F 6 24.51 -4.90 8.46
N THR F 7 25.01 -5.08 7.24
CA THR F 7 24.47 -6.05 6.31
C THR F 7 25.20 -7.38 6.48
N LEU F 8 24.66 -8.42 5.83
CA LEU F 8 25.27 -9.74 5.94
C LEU F 8 26.60 -9.84 5.21
N THR F 9 27.00 -8.80 4.46
CA THR F 9 28.32 -8.76 3.84
C THR F 9 29.32 -7.97 4.67
N GLY F 10 28.95 -7.59 5.90
CA GLY F 10 29.81 -6.84 6.79
C GLY F 10 29.77 -5.34 6.61
N LYS F 11 29.30 -4.85 5.46
CA LYS F 11 29.22 -3.42 5.22
C LYS F 11 28.26 -2.76 6.20
N THR F 12 28.58 -1.55 6.64
CA THR F 12 27.88 -0.90 7.74
C THR F 12 27.58 0.56 7.41
N ILE F 13 26.31 0.95 7.53
CA ILE F 13 25.86 2.32 7.35
C ILE F 13 25.55 2.92 8.71
N THR F 14 25.70 4.25 8.80
CA THR F 14 25.39 5.02 9.99
C THR F 14 24.16 5.90 9.78
N LEU F 15 23.24 5.89 10.74
CA LEU F 15 22.02 6.67 10.67
C LEU F 15 21.87 7.61 11.87
N GLU F 16 21.23 8.75 11.63
CA GLU F 16 20.87 9.70 12.68
C GLU F 16 19.45 9.42 13.13
N VAL F 17 19.28 9.06 14.39
CA VAL F 17 17.97 8.72 14.93
C VAL F 17 17.79 9.35 16.30
N GLU F 18 16.52 9.44 16.72
CA GLU F 18 16.14 9.78 18.06
C GLU F 18 15.61 8.54 18.78
N PRO F 19 15.82 8.42 20.09
CA PRO F 19 15.36 7.22 20.81
C PRO F 19 13.87 6.98 20.70
N SER F 20 13.08 7.99 20.37
CA SER F 20 11.64 7.84 20.23
C SER F 20 11.22 7.53 18.80
N ASP F 21 12.17 7.42 17.88
CA ASP F 21 11.85 7.05 16.51
C ASP F 21 11.30 5.64 16.46
N THR F 22 10.21 5.44 15.74
CA THR F 22 9.70 4.10 15.58
C THR F 22 10.58 3.33 14.60
N ILE F 23 10.45 2.00 14.62
CA ILE F 23 11.16 1.17 13.65
C ILE F 23 10.66 1.50 12.25
N GLU F 24 9.38 1.86 12.13
CA GLU F 24 8.85 2.31 10.84
C GLU F 24 9.58 3.57 10.37
N ASN F 25 9.84 4.49 11.30
CA ASN F 25 10.58 5.71 10.96
C ASN F 25 12.02 5.41 10.61
N VAL F 26 12.62 4.39 11.22
CA VAL F 26 14.00 4.03 10.91
C VAL F 26 14.10 3.43 9.51
N LYS F 27 13.17 2.54 9.15
CA LYS F 27 13.19 1.95 7.81
C LYS F 27 13.00 3.02 6.73
N ALA F 28 12.20 4.05 7.02
CA ALA F 28 12.04 5.14 6.06
C ALA F 28 13.34 5.90 5.86
N LYS F 29 14.12 6.06 6.94
CA LYS F 29 15.44 6.67 6.82
C LYS F 29 16.36 5.83 5.94
N ILE F 30 16.26 4.50 6.06
CA ILE F 30 17.04 3.61 5.20
C ILE F 30 16.60 3.75 3.74
N GLN F 31 15.31 3.97 3.50
CA GLN F 31 14.84 4.19 2.14
C GLN F 31 15.39 5.50 1.56
N ASP F 32 15.44 6.56 2.36
CA ASP F 32 15.96 7.84 1.88
C ASP F 32 17.46 7.78 1.60
N LYS F 33 18.20 6.92 2.31
CA LYS F 33 19.65 6.86 2.15
C LYS F 33 20.09 5.77 1.17
N GLU F 34 19.34 4.68 1.05
CA GLU F 34 19.74 3.58 0.21
C GLU F 34 18.73 3.25 -0.88
N GLY F 35 17.53 3.80 -0.84
CA GLY F 35 16.54 3.47 -1.84
C GLY F 35 15.91 2.12 -1.67
N ILE F 36 16.08 1.49 -0.50
CA ILE F 36 15.48 0.19 -0.22
C ILE F 36 14.09 0.43 0.34
N PRO F 37 13.03 -0.05 -0.32
CA PRO F 37 11.67 0.14 0.21
C PRO F 37 11.53 -0.54 1.57
N PRO F 38 10.80 0.09 2.50
CA PRO F 38 10.71 -0.49 3.86
C PRO F 38 10.12 -1.89 3.91
N ASP F 39 9.26 -2.27 2.96
CA ASP F 39 8.70 -3.61 2.98
C ASP F 39 9.74 -4.69 2.66
N GLN F 40 10.91 -4.29 2.15
CA GLN F 40 12.00 -5.21 1.87
C GLN F 40 13.02 -5.28 2.99
N GLN F 41 12.87 -4.46 4.02
CA GLN F 41 13.83 -4.38 5.11
C GLN F 41 13.35 -5.22 6.29
N ARG F 42 14.25 -6.05 6.83
CA ARG F 42 14.04 -6.69 8.12
C ARG F 42 15.22 -6.36 9.02
N LEU F 43 14.93 -5.86 10.21
CA LEU F 43 15.94 -5.36 11.13
C LEU F 43 15.99 -6.26 12.35
N ILE F 44 17.20 -6.62 12.79
CA ILE F 44 17.40 -7.53 13.91
C ILE F 44 18.28 -6.83 14.94
N PHE F 45 17.84 -6.88 16.20
CA PHE F 45 18.65 -6.38 17.31
C PHE F 45 18.35 -7.22 18.55
N ALA F 46 19.41 -7.69 19.20
CA ALA F 46 19.31 -8.46 20.44
C ALA F 46 18.43 -9.70 20.25
N GLY F 47 18.63 -10.40 19.14
CA GLY F 47 17.93 -11.65 18.89
C GLY F 47 16.48 -11.51 18.51
N LYS F 48 16.01 -10.31 18.19
CA LYS F 48 14.61 -10.06 17.84
C LYS F 48 14.53 -9.41 16.47
N GLN F 49 13.48 -9.76 15.72
CA GLN F 49 13.07 -8.94 14.60
C GLN F 49 12.30 -7.74 15.15
N LEU F 50 12.57 -6.56 14.61
CA LEU F 50 12.01 -5.33 15.17
C LEU F 50 10.71 -4.99 14.49
N GLU F 51 9.71 -4.64 15.29
CA GLU F 51 8.37 -4.36 14.81
C GLU F 51 8.23 -2.88 14.51
N ASP F 52 7.51 -2.57 13.44
CA ASP F 52 7.43 -1.19 12.94
C ASP F 52 6.83 -0.25 13.97
N GLY F 53 5.87 -0.72 14.76
CA GLY F 53 5.19 0.16 15.71
C GLY F 53 6.02 0.53 16.93
N ARG F 54 7.01 -0.28 17.29
CA ARG F 54 7.80 -0.02 18.47
C ARG F 54 8.85 1.06 18.21
N THR F 55 9.26 1.72 19.28
CA THR F 55 10.29 2.74 19.20
C THR F 55 11.65 2.13 19.48
N LEU F 56 12.71 2.89 19.18
CA LEU F 56 14.06 2.42 19.46
C LEU F 56 14.28 2.26 20.96
N SER F 57 13.67 3.14 21.77
CA SER F 57 13.76 3.00 23.23
C SER F 57 13.02 1.76 23.74
N ASP F 58 11.95 1.36 23.07
CA ASP F 58 11.24 0.15 23.48
C ASP F 58 12.13 -1.08 23.39
N TYR F 59 13.02 -1.13 22.40
CA TYR F 59 13.97 -2.23 22.27
C TYR F 59 15.29 -1.93 22.97
N ASN F 60 15.37 -0.82 23.70
CA ASN F 60 16.60 -0.39 24.36
C ASN F 60 17.75 -0.24 23.36
N ILE F 61 17.43 0.25 22.17
CA ILE F 61 18.46 0.57 21.17
C ILE F 61 19.01 1.95 21.52
N GLN F 62 20.25 1.97 22.01
CA GLN F 62 20.91 3.18 22.47
C GLN F 62 21.90 3.70 21.43
N ARG F 63 22.74 4.65 21.84
CA ARG F 63 23.71 5.26 20.94
C ARG F 63 24.76 4.23 20.52
N GLU F 64 25.08 4.24 19.22
CA GLU F 64 26.07 3.36 18.61
C GLU F 64 25.71 1.88 18.70
N SER F 65 24.44 1.56 18.90
CA SER F 65 24.00 0.18 18.78
C SER F 65 24.04 -0.23 17.30
N THR F 66 24.21 -1.53 17.06
CA THR F 66 24.31 -2.06 15.71
C THR F 66 23.11 -2.97 15.44
N LEU F 67 22.30 -2.59 14.46
CA LEU F 67 21.22 -3.42 13.95
C LEU F 67 21.67 -4.20 12.73
N HIS F 68 21.04 -5.34 12.51
CA HIS F 68 21.34 -6.20 11.37
C HIS F 68 20.22 -6.14 10.35
N LEU F 69 20.57 -5.81 9.11
CA LEU F 69 19.60 -5.66 8.02
C LEU F 69 19.58 -6.94 7.19
N VAL F 70 18.38 -7.49 7.01
CA VAL F 70 18.16 -8.65 6.14
C VAL F 70 17.10 -8.24 5.11
N LEU F 71 17.37 -8.54 3.85
CA LEU F 71 16.48 -8.14 2.78
C LEU F 71 15.41 -9.21 2.54
N ARG F 72 14.17 -8.75 2.43
CA ARG F 72 13.02 -9.58 2.05
C ARG F 72 12.67 -9.18 0.62
N LEU F 73 13.18 -9.95 -0.34
CA LEU F 73 13.01 -9.66 -1.75
C LEU F 73 12.07 -10.62 -2.46
N ARG F 74 12.07 -11.89 -2.09
CA ARG F 74 11.31 -12.91 -2.77
C ARG F 74 9.83 -12.94 -2.37
N GLY F 75 9.40 -11.98 -1.56
CA GLY F 75 7.99 -11.78 -1.33
C GLY F 75 7.39 -10.93 -2.42
N GLY F 76 7.26 -11.51 -3.62
CA GLY F 76 6.83 -10.78 -4.81
C GLY F 76 5.53 -10.00 -4.67
C1 GOL G . -17.24 -12.48 -2.86
O1 GOL G . -16.01 -11.97 -3.31
C2 GOL G . -17.93 -11.41 -2.01
O2 GOL G . -17.38 -10.17 -2.40
C3 GOL G . -19.42 -11.42 -2.37
O3 GOL G . -20.15 -10.96 -1.26
PR PR H . 9.62 -13.23 -18.48
PR PR I . 15.82 -26.35 -6.58
PR PR J . 4.74 -34.11 -33.63
C1 GOL K . 26.17 -7.15 -12.86
O1 GOL K . 26.98 -8.14 -12.29
C2 GOL K . 24.80 -7.22 -12.18
O2 GOL K . 24.98 -7.92 -10.96
C3 GOL K . 24.35 -5.79 -11.90
O3 GOL K . 24.52 -5.05 -13.07
C1 GOL L . -15.54 -10.72 -12.55
O1 GOL L . -14.74 -9.85 -13.32
C2 GOL L . -15.54 -10.24 -11.10
O2 GOL L . -14.46 -10.87 -10.45
C3 GOL L . -16.85 -10.69 -10.44
O3 GOL L . -16.94 -10.10 -9.16
C1 GOL M . -3.28 0.31 -3.98
O1 GOL M . -2.49 -0.86 -3.90
C2 GOL M . -3.47 0.60 -5.45
O2 GOL M . -4.79 1.04 -5.69
C3 GOL M . -2.49 1.70 -5.87
O3 GOL M . -3.23 2.74 -6.45
C1 GOL N . 9.68 13.40 3.26
O1 GOL N . 9.74 12.05 3.64
C2 GOL N . 10.94 14.12 3.77
O2 GOL N . 10.81 14.36 5.17
C3 GOL N . 12.17 13.24 3.53
O3 GOL N . 13.19 14.04 2.98
#